data_6B7B
#
_entry.id   6B7B
#
_cell.length_a   134.850
_cell.length_b   134.850
_cell.length_c   134.850
_cell.angle_alpha   90.000
_cell.angle_beta   90.000
_cell.angle_gamma   90.000
#
_symmetry.space_group_name_H-M   'I 2 3'
#
loop_
_entity.id
_entity.type
_entity.pdbx_description
1 polymer 'Phosphopantetheine adenylyltransferase'
2 non-polymer 5-methoxy-2-methyl-1H-indole
3 non-polymer 'SULFATE ION'
4 non-polymer 'DIMETHYL SULFOXIDE'
5 non-polymer 'PYROPHOSPHATE 2-'
6 water water
#
_entity_poly.entity_id   1
_entity_poly.type   'polypeptide(L)'
_entity_poly.pdbx_seq_one_letter_code
;MQKRAIYPGTFDPITNGHIDIVTRATQMFDHVILAIAASPSKKPMFTLEERVALAQQATAHLGNVEVVGFSDLMANFARN
QHATVLIRGLRAVADFEYEMQLAHMNRHLMPELESVFLMPSKEWSFISSSLVKEVARHQGDVTHFLPENVHQALMAKLAV
DHHHHHH
;
_entity_poly.pdbx_strand_id   A,B
#
# COMPACT_ATOMS: atom_id res chain seq x y z
N MET A 1 19.00 -4.22 0.13
CA MET A 1 18.01 -4.61 -0.87
C MET A 1 17.26 -5.86 -0.45
N GLN A 2 17.56 -6.32 0.76
CA GLN A 2 16.94 -7.50 1.34
C GLN A 2 15.99 -7.02 2.43
N LYS A 3 14.74 -6.82 2.03
CA LYS A 3 13.72 -6.25 2.89
C LYS A 3 13.01 -7.33 3.72
N ARG A 4 12.82 -7.02 5.00
CA ARG A 4 12.03 -7.85 5.91
C ARG A 4 10.73 -7.13 6.15
N ALA A 5 9.61 -7.80 5.85
CA ALA A 5 8.28 -7.23 6.01
C ALA A 5 7.52 -8.04 7.05
N ILE A 6 6.65 -7.36 7.78
CA ILE A 6 5.79 -8.00 8.77
C ILE A 6 4.34 -7.76 8.35
N TYR A 7 3.52 -8.81 8.50
CA TYR A 7 2.10 -8.79 8.17
C TYR A 7 1.37 -9.22 9.43
N PRO A 8 0.96 -8.28 10.29
CA PRO A 8 0.39 -8.65 11.58
C PRO A 8 -1.13 -8.69 11.55
N GLY A 9 -1.68 -9.46 12.47
CA GLY A 9 -3.12 -9.59 12.58
C GLY A 9 -3.44 -10.65 13.62
N THR A 10 -4.73 -10.81 13.86
CA THR A 10 -5.17 -11.84 14.79
CA THR A 10 -5.20 -11.84 14.79
C THR A 10 -5.38 -13.19 14.11
N PHE A 11 -5.73 -13.18 12.83
CA PHE A 11 -5.86 -14.38 12.00
C PHE A 11 -6.67 -15.46 12.73
N ASP A 12 -7.89 -15.09 13.10
CA ASP A 12 -8.76 -15.92 13.92
C ASP A 12 -10.07 -16.21 13.18
N PRO A 13 -10.05 -17.10 12.18
CA PRO A 13 -8.90 -17.81 11.63
C PRO A 13 -8.36 -17.13 10.38
N ILE A 14 -7.23 -17.61 9.87
CA ILE A 14 -6.71 -17.09 8.61
C ILE A 14 -7.68 -17.45 7.48
N THR A 15 -7.96 -16.47 6.61
CA THR A 15 -8.87 -16.67 5.50
C THR A 15 -8.11 -16.62 4.18
N ASN A 16 -8.84 -16.89 3.10
CA ASN A 16 -8.27 -16.76 1.77
C ASN A 16 -7.91 -15.31 1.45
N GLY A 17 -8.57 -14.35 2.09
CA GLY A 17 -8.15 -12.97 1.96
C GLY A 17 -6.77 -12.73 2.53
N HIS A 18 -6.49 -13.28 3.71
CA HIS A 18 -5.15 -13.19 4.29
C HIS A 18 -4.13 -13.90 3.40
N ILE A 19 -4.48 -15.08 2.89
CA ILE A 19 -3.57 -15.82 2.01
C ILE A 19 -3.26 -15.00 0.77
N ASP A 20 -4.27 -14.34 0.21
CA ASP A 20 -4.06 -13.48 -0.95
CA ASP A 20 -4.06 -13.48 -0.95
C ASP A 20 -3.05 -12.38 -0.64
N ILE A 21 -3.24 -11.70 0.49
CA ILE A 21 -2.37 -10.58 0.84
C ILE A 21 -0.94 -11.06 1.07
N VAL A 22 -0.76 -12.11 1.88
CA VAL A 22 0.60 -12.55 2.20
C VAL A 22 1.30 -13.09 0.96
N THR A 23 0.55 -13.71 0.04
CA THR A 23 1.14 -14.16 -1.20
C THR A 23 1.67 -12.99 -2.03
N ARG A 24 0.87 -11.94 -2.15
CA ARG A 24 1.32 -10.74 -2.84
C ARG A 24 2.56 -10.16 -2.16
N ALA A 25 2.59 -10.17 -0.82
CA ALA A 25 3.75 -9.63 -0.10
C ALA A 25 5.01 -10.42 -0.43
N THR A 26 4.91 -11.76 -0.50
CA THR A 26 6.10 -12.56 -0.77
C THR A 26 6.64 -12.36 -2.18
N GLN A 27 5.81 -11.89 -3.11
CA GLN A 27 6.31 -11.60 -4.44
CA GLN A 27 6.29 -11.58 -4.45
C GLN A 27 7.01 -10.25 -4.50
N MET A 28 6.91 -9.45 -3.45
CA MET A 28 7.45 -8.10 -3.37
C MET A 28 8.67 -7.97 -2.47
N PHE A 29 8.73 -8.75 -1.40
CA PHE A 29 9.75 -8.60 -0.38
C PHE A 29 10.44 -9.95 -0.11
N ASP A 30 11.70 -9.88 0.36
CA ASP A 30 12.51 -11.09 0.47
CA ASP A 30 12.51 -11.08 0.47
C ASP A 30 12.00 -12.02 1.57
N HIS A 31 11.63 -11.46 2.71
CA HIS A 31 11.17 -12.24 3.84
C HIS A 31 9.94 -11.59 4.43
N VAL A 32 8.88 -12.36 4.62
CA VAL A 32 7.63 -11.88 5.17
C VAL A 32 7.36 -12.65 6.45
N ILE A 33 7.19 -11.93 7.55
CA ILE A 33 6.80 -12.50 8.83
C ILE A 33 5.28 -12.35 8.95
N LEU A 34 4.56 -13.47 8.93
CA LEU A 34 3.14 -13.47 9.25
C LEU A 34 3.05 -13.54 10.78
N ALA A 35 2.69 -12.41 11.39
CA ALA A 35 2.76 -12.26 12.84
C ALA A 35 1.35 -12.33 13.44
N ILE A 36 1.12 -13.31 14.30
CA ILE A 36 -0.18 -13.58 14.90
C ILE A 36 -0.18 -13.05 16.33
N ALA A 37 -1.11 -12.13 16.62
CA ALA A 37 -1.21 -11.55 17.95
C ALA A 37 -1.80 -12.54 18.95
N ALA A 38 -1.20 -12.57 20.15
CA ALA A 38 -1.65 -13.49 21.19
C ALA A 38 -3.08 -13.21 21.64
N SER A 39 -3.44 -11.94 21.81
CA SER A 39 -4.80 -11.59 22.20
C SER A 39 -5.80 -11.89 21.10
N LYS A 43 -10.87 -11.93 22.65
CA LYS A 43 -11.41 -13.26 22.95
C LYS A 43 -11.55 -14.08 21.67
N PRO A 44 -10.42 -14.56 21.15
CA PRO A 44 -10.45 -15.23 19.85
C PRO A 44 -11.17 -16.57 19.90
N MET A 45 -11.73 -16.94 18.76
CA MET A 45 -12.37 -18.25 18.65
CA MET A 45 -12.38 -18.25 18.64
C MET A 45 -11.36 -19.37 18.72
N PHE A 46 -10.23 -19.23 18.04
CA PHE A 46 -9.14 -20.19 18.08
C PHE A 46 -8.04 -19.68 19.00
N THR A 47 -7.41 -20.62 19.71
CA THR A 47 -6.27 -20.27 20.54
C THR A 47 -5.10 -19.83 19.67
N LEU A 48 -4.12 -19.19 20.31
CA LEU A 48 -2.93 -18.76 19.57
C LEU A 48 -2.23 -19.95 18.93
N GLU A 49 -2.10 -21.06 19.66
CA GLU A 49 -1.44 -22.24 19.11
C GLU A 49 -2.20 -22.80 17.92
N GLU A 50 -3.54 -22.81 18.00
CA GLU A 50 -4.35 -23.23 16.86
C GLU A 50 -4.15 -22.28 15.68
N ARG A 51 -4.21 -20.97 15.92
CA ARG A 51 -4.09 -20.00 14.84
C ARG A 51 -2.73 -20.08 14.15
N VAL A 52 -1.66 -20.27 14.92
CA VAL A 52 -0.33 -20.41 14.32
C VAL A 52 -0.25 -21.66 13.47
N ALA A 53 -0.72 -22.79 14.00
CA ALA A 53 -0.65 -24.04 13.24
C ALA A 53 -1.48 -23.97 11.97
N LEU A 54 -2.66 -23.36 12.05
CA LEU A 54 -3.49 -23.21 10.84
C LEU A 54 -2.80 -22.35 9.80
N ALA A 55 -2.21 -21.23 10.23
CA ALA A 55 -1.55 -20.33 9.29
C ALA A 55 -0.30 -20.97 8.69
N GLN A 56 0.44 -21.74 9.49
CA GLN A 56 1.63 -22.41 8.98
C GLN A 56 1.29 -23.39 7.86
N GLN A 57 0.29 -24.25 8.09
CA GLN A 57 -0.11 -25.20 7.06
C GLN A 57 -0.61 -24.50 5.81
N ALA A 58 -1.36 -23.41 5.99
CA ALA A 58 -1.94 -22.69 4.86
C ALA A 58 -0.92 -21.89 4.05
N THR A 59 0.25 -21.61 4.63
CA THR A 59 1.29 -20.87 3.93
C THR A 59 2.55 -21.69 3.69
N ALA A 60 2.55 -22.97 4.04
CA ALA A 60 3.75 -23.80 3.90
C ALA A 60 4.31 -23.79 2.49
N HIS A 61 3.45 -23.58 1.48
CA HIS A 61 3.90 -23.54 0.10
C HIS A 61 4.67 -22.28 -0.25
N LEU A 62 4.67 -21.26 0.61
CA LEU A 62 5.39 -20.01 0.39
C LEU A 62 6.71 -20.07 1.13
N GLY A 63 7.81 -20.14 0.36
CA GLY A 63 9.10 -20.43 0.95
C GLY A 63 9.63 -19.32 1.84
N ASN A 64 9.24 -18.07 1.61
CA ASN A 64 9.80 -16.95 2.33
C ASN A 64 8.81 -16.34 3.33
N VAL A 65 7.87 -17.14 3.83
CA VAL A 65 6.96 -16.74 4.90
C VAL A 65 7.40 -17.41 6.19
N GLU A 66 7.44 -16.64 7.27
CA GLU A 66 7.70 -17.14 8.61
C GLU A 66 6.51 -16.77 9.48
N VAL A 67 5.84 -17.79 10.04
CA VAL A 67 4.68 -17.56 10.91
C VAL A 67 5.16 -17.54 12.36
N VAL A 68 4.91 -16.44 13.05
CA VAL A 68 5.34 -16.29 14.44
CA VAL A 68 5.35 -16.24 14.43
C VAL A 68 4.21 -15.63 15.23
N GLY A 69 4.11 -16.00 16.51
CA GLY A 69 3.20 -15.34 17.41
C GLY A 69 3.91 -14.23 18.15
N PHE A 70 3.14 -13.24 18.60
CA PHE A 70 3.70 -12.14 19.36
C PHE A 70 2.64 -11.59 20.29
N SER A 71 3.09 -11.04 21.43
CA SER A 71 2.20 -10.43 22.40
C SER A 71 2.54 -8.99 22.72
N ASP A 72 3.66 -8.47 22.22
CA ASP A 72 4.02 -7.09 22.45
C ASP A 72 3.17 -6.18 21.58
N LEU A 73 3.37 -4.87 21.75
CA LEU A 73 2.84 -3.92 20.79
C LEU A 73 3.40 -4.28 19.42
N MET A 74 2.56 -4.20 18.39
CA MET A 74 2.99 -4.64 17.06
C MET A 74 4.27 -3.94 16.64
N ALA A 75 4.34 -2.62 16.86
CA ALA A 75 5.53 -1.87 16.51
C ALA A 75 6.75 -2.36 17.27
N ASN A 76 6.58 -2.67 18.56
CA ASN A 76 7.71 -3.19 19.33
C ASN A 76 8.22 -4.50 18.76
N PHE A 77 7.32 -5.42 18.42
CA PHE A 77 7.72 -6.68 17.80
C PHE A 77 8.37 -6.45 16.44
N ALA A 78 7.80 -5.56 15.63
CA ALA A 78 8.39 -5.28 14.33
C ALA A 78 9.80 -4.75 14.48
N ARG A 79 10.02 -3.83 15.43
CA ARG A 79 11.36 -3.31 15.69
C ARG A 79 12.32 -4.43 16.05
N ASN A 80 11.93 -5.32 16.97
CA ASN A 80 12.82 -6.40 17.39
C ASN A 80 13.05 -7.42 16.29
N GLN A 81 12.14 -7.50 15.32
CA GLN A 81 12.32 -8.39 14.17
C GLN A 81 13.08 -7.74 13.02
N HIS A 82 13.49 -6.49 13.18
CA HIS A 82 14.20 -5.75 12.13
C HIS A 82 13.39 -5.69 10.84
N ALA A 83 12.08 -5.52 11.00
CA ALA A 83 11.22 -5.28 9.84
C ALA A 83 11.23 -3.79 9.54
N THR A 84 11.26 -3.46 8.25
CA THR A 84 11.18 -2.09 7.79
C THR A 84 9.95 -1.87 6.94
N VAL A 85 9.13 -2.89 6.76
CA VAL A 85 7.90 -2.81 5.97
C VAL A 85 6.77 -3.46 6.76
N LEU A 86 5.65 -2.74 6.86
CA LEU A 86 4.43 -3.18 7.51
C LEU A 86 3.36 -3.40 6.46
N ILE A 87 2.88 -4.63 6.35
CA ILE A 87 1.89 -5.01 5.35
C ILE A 87 0.51 -4.89 5.96
N ARG A 88 -0.36 -4.12 5.30
CA ARG A 88 -1.76 -4.07 5.65
CA ARG A 88 -1.77 -4.02 5.64
C ARG A 88 -2.58 -4.29 4.38
N GLY A 89 -3.65 -5.06 4.51
CA GLY A 89 -4.59 -5.23 3.44
C GLY A 89 -5.69 -4.19 3.58
N LEU A 90 -6.09 -3.62 2.45
CA LEU A 90 -7.18 -2.64 2.41
C LEU A 90 -8.36 -3.24 1.67
N ARG A 91 -9.50 -3.37 2.34
CA ARG A 91 -10.70 -3.92 1.70
C ARG A 91 -11.58 -2.76 1.21
N ALA A 92 -12.07 -1.94 2.14
CA ALA A 92 -13.03 -0.89 1.81
C ALA A 92 -12.71 0.40 2.57
N VAL A 93 -13.56 1.40 2.35
CA VAL A 93 -13.41 2.74 2.94
C VAL A 93 -13.25 2.64 4.46
N ALA A 94 -14.05 1.80 5.10
CA ALA A 94 -14.00 1.67 6.55
C ALA A 94 -12.61 1.28 7.04
N ASP A 95 -11.99 0.24 6.45
CA ASP A 95 -10.61 -0.07 6.82
C ASP A 95 -9.70 1.13 6.61
N PHE A 96 -9.78 1.74 5.42
CA PHE A 96 -8.90 2.83 5.04
C PHE A 96 -8.82 3.89 6.12
N GLU A 97 -9.98 4.31 6.62
CA GLU A 97 -10.03 5.39 7.61
C GLU A 97 -9.37 4.97 8.91
N TYR A 98 -9.62 3.74 9.37
CA TYR A 98 -9.00 3.26 10.59
C TYR A 98 -7.52 2.92 10.38
N GLU A 99 -7.16 2.38 9.20
CA GLU A 99 -5.76 2.07 8.94
C GLU A 99 -4.89 3.32 8.86
N MET A 100 -5.43 4.42 8.34
CA MET A 100 -4.70 5.70 8.28
CA MET A 100 -4.61 5.63 8.28
C MET A 100 -4.34 6.18 9.68
N GLN A 101 -5.30 6.05 10.60
CA GLN A 101 -5.05 6.39 12.01
C GLN A 101 -3.91 5.55 12.55
N LEU A 102 -4.03 4.24 12.39
CA LEU A 102 -3.01 3.33 12.91
C LEU A 102 -1.67 3.58 12.26
N ALA A 103 -1.68 3.90 10.96
CA ALA A 103 -0.42 4.14 10.27
C ALA A 103 0.30 5.37 10.82
N HIS A 104 -0.43 6.43 11.14
CA HIS A 104 0.22 7.61 11.71
C HIS A 104 0.73 7.33 13.13
N MET A 105 0.00 6.51 13.90
CA MET A 105 0.50 6.12 15.22
C MET A 105 1.74 5.25 15.10
N ASN A 106 1.72 4.26 14.22
CA ASN A 106 2.88 3.41 14.02
C ASN A 106 4.10 4.19 13.53
N ARG A 107 3.89 5.22 12.70
CA ARG A 107 5.01 6.04 12.27
C ARG A 107 5.59 6.83 13.42
N HIS A 108 4.73 7.26 14.35
CA HIS A 108 5.22 7.90 15.57
C HIS A 108 6.01 6.93 16.43
N LEU A 109 5.54 5.69 16.54
CA LEU A 109 6.18 4.71 17.41
C LEU A 109 7.46 4.16 16.81
N MET A 110 7.48 3.96 15.49
CA MET A 110 8.64 3.39 14.81
C MET A 110 8.77 4.06 13.45
N PRO A 111 9.47 5.19 13.38
CA PRO A 111 9.54 5.94 12.11
C PRO A 111 10.15 5.14 10.97
N GLU A 112 11.04 4.20 11.28
CA GLU A 112 11.72 3.41 10.26
C GLU A 112 10.88 2.25 9.75
N LEU A 113 9.65 2.09 10.23
CA LEU A 113 8.73 1.08 9.73
C LEU A 113 7.75 1.75 8.77
N GLU A 114 7.84 1.40 7.49
CA GLU A 114 6.96 1.96 6.47
C GLU A 114 5.73 1.07 6.29
N SER A 115 4.56 1.68 6.40
CA SER A 115 3.30 0.97 6.19
C SER A 115 2.99 0.92 4.71
N VAL A 116 2.74 -0.28 4.19
CA VAL A 116 2.40 -0.52 2.79
CA VAL A 116 2.38 -0.47 2.80
C VAL A 116 1.03 -1.17 2.74
N PHE A 117 0.13 -0.63 1.93
CA PHE A 117 -1.22 -1.15 1.83
C PHE A 117 -1.41 -1.89 0.52
N LEU A 118 -1.80 -3.15 0.64
CA LEU A 118 -2.04 -4.02 -0.50
CA LEU A 118 -2.04 -4.01 -0.51
C LEU A 118 -3.54 -4.20 -0.71
N MET A 119 -3.92 -4.54 -1.93
CA MET A 119 -5.32 -4.64 -2.24
C MET A 119 -5.67 -6.09 -2.56
N PRO A 120 -6.63 -6.70 -1.87
CA PRO A 120 -6.99 -8.09 -2.15
C PRO A 120 -7.74 -8.23 -3.46
N SER A 121 -7.77 -9.47 -3.94
CA SER A 121 -8.64 -9.81 -5.07
C SER A 121 -10.08 -9.37 -4.79
N LYS A 122 -10.80 -9.05 -5.86
CA LYS A 122 -12.23 -8.77 -5.73
C LYS A 122 -12.94 -9.93 -5.04
N GLU A 123 -12.43 -11.15 -5.22
CA GLU A 123 -13.03 -12.34 -4.63
C GLU A 123 -13.09 -12.24 -3.10
N TRP A 124 -12.10 -11.59 -2.47
CA TRP A 124 -12.00 -11.55 -1.01
C TRP A 124 -12.23 -10.16 -0.42
N SER A 125 -12.62 -9.18 -1.22
CA SER A 125 -12.73 -7.79 -0.79
CA SER A 125 -12.67 -7.81 -0.71
C SER A 125 -13.86 -7.53 0.19
N PHE A 126 -14.79 -8.48 0.38
CA PHE A 126 -15.96 -8.25 1.23
CA PHE A 126 -15.93 -8.22 1.25
C PHE A 126 -15.99 -9.17 2.45
N ILE A 127 -14.93 -9.95 2.69
CA ILE A 127 -14.92 -10.89 3.80
C ILE A 127 -13.94 -10.45 4.87
N SER A 128 -14.16 -10.98 6.07
CA SER A 128 -13.28 -10.79 7.22
C SER A 128 -13.39 -12.05 8.06
N SER A 129 -12.43 -12.24 8.96
CA SER A 129 -12.52 -13.37 9.89
C SER A 129 -13.81 -13.31 10.70
N SER A 130 -14.21 -12.10 11.12
CA SER A 130 -15.40 -11.96 11.95
CA SER A 130 -15.40 -11.98 11.96
C SER A 130 -16.67 -12.31 11.17
N LEU A 131 -16.78 -11.83 9.93
CA LEU A 131 -17.97 -12.16 9.14
C LEU A 131 -18.02 -13.65 8.84
N VAL A 132 -16.88 -14.25 8.50
CA VAL A 132 -16.85 -15.69 8.22
C VAL A 132 -17.27 -16.47 9.45
N LYS A 133 -16.74 -16.12 10.62
CA LYS A 133 -17.11 -16.80 11.85
C LYS A 133 -18.60 -16.66 12.12
N GLU A 134 -19.14 -15.46 11.95
CA GLU A 134 -20.56 -15.22 12.23
C GLU A 134 -21.45 -16.03 11.30
N VAL A 135 -21.14 -16.03 10.00
CA VAL A 135 -21.91 -16.83 9.05
C VAL A 135 -21.85 -18.30 9.41
N ALA A 136 -20.64 -18.81 9.66
CA ALA A 136 -20.48 -20.23 10.00
C ALA A 136 -21.19 -20.58 11.30
N ARG A 137 -21.07 -19.71 12.32
CA ARG A 137 -21.76 -19.94 13.58
C ARG A 137 -23.26 -20.10 13.38
N HIS A 138 -23.83 -19.36 12.44
CA HIS A 138 -25.26 -19.36 12.18
C HIS A 138 -25.63 -20.28 11.02
N GLN A 139 -24.79 -21.27 10.73
CA GLN A 139 -25.08 -22.38 9.82
C GLN A 139 -25.03 -21.98 8.35
N GLY A 140 -24.21 -20.98 8.02
CA GLY A 140 -23.93 -20.60 6.65
C GLY A 140 -22.67 -21.25 6.10
N ASP A 141 -22.64 -21.41 4.77
CA ASP A 141 -21.53 -22.04 4.07
C ASP A 141 -20.38 -21.05 3.86
N VAL A 142 -19.21 -21.32 4.45
CA VAL A 142 -18.04 -20.47 4.25
C VAL A 142 -16.88 -21.23 3.61
N THR A 143 -17.14 -22.39 3.00
CA THR A 143 -16.08 -23.21 2.42
C THR A 143 -15.23 -22.42 1.42
N HIS A 144 -15.86 -21.55 0.63
CA HIS A 144 -15.16 -20.83 -0.42
C HIS A 144 -14.13 -19.84 0.13
N PHE A 145 -14.28 -19.40 1.37
CA PHE A 145 -13.50 -18.29 1.90
C PHE A 145 -12.30 -18.74 2.72
N LEU A 146 -12.11 -20.05 2.90
CA LEU A 146 -11.10 -20.54 3.82
C LEU A 146 -10.22 -21.60 3.18
N PRO A 147 -8.98 -21.73 3.64
CA PRO A 147 -8.16 -22.89 3.25
C PRO A 147 -8.82 -24.15 3.79
N GLU A 148 -8.60 -25.26 3.09
CA GLU A 148 -9.21 -26.53 3.48
C GLU A 148 -8.93 -26.86 4.95
N ASN A 149 -7.68 -26.72 5.38
CA ASN A 149 -7.34 -27.04 6.77
C ASN A 149 -8.10 -26.17 7.75
N VAL A 150 -8.29 -24.89 7.43
CA VAL A 150 -9.05 -23.99 8.30
C VAL A 150 -10.53 -24.39 8.32
N HIS A 151 -11.08 -24.69 7.14
CA HIS A 151 -12.47 -25.14 7.05
C HIS A 151 -12.72 -26.35 7.95
N GLN A 152 -11.86 -27.37 7.85
CA GLN A 152 -11.97 -28.53 8.72
C GLN A 152 -11.93 -28.13 10.20
N ALA A 153 -10.98 -27.27 10.56
CA ALA A 153 -10.83 -26.87 11.96
C ALA A 153 -12.04 -26.07 12.44
N LEU A 154 -12.59 -25.21 11.57
CA LEU A 154 -13.75 -24.42 11.95
C LEU A 154 -14.98 -25.29 12.18
N MET A 155 -15.21 -26.28 11.29
CA MET A 155 -16.32 -27.20 11.49
C MET A 155 -16.20 -27.94 12.81
N ALA A 156 -15.00 -28.44 13.13
CA ALA A 156 -14.80 -29.14 14.39
C ALA A 156 -15.07 -28.22 15.56
N LYS A 157 -14.59 -26.97 15.50
CA LYS A 157 -14.80 -26.02 16.60
C LYS A 157 -16.29 -25.74 16.80
N LEU A 158 -17.04 -25.56 15.72
CA LEU A 158 -18.47 -25.23 15.84
C LEU A 158 -19.31 -26.44 16.20
N ALA A 159 -18.81 -27.65 15.98
CA ALA A 159 -19.57 -28.85 16.33
C ALA A 159 -19.70 -29.00 17.83
N VAL A 160 -18.70 -28.54 18.58
CA VAL A 160 -18.74 -28.62 20.05
C VAL A 160 -19.03 -27.26 20.64
N GLN B 2 17.18 -6.67 -8.29
CA GLN B 2 16.75 -5.29 -8.56
C GLN B 2 15.25 -5.17 -8.66
N LYS B 3 14.60 -4.72 -7.58
CA LYS B 3 13.16 -4.52 -7.57
C LYS B 3 12.91 -3.13 -8.16
N ARG B 4 12.05 -3.05 -9.17
CA ARG B 4 11.74 -1.82 -9.86
C ARG B 4 10.29 -1.40 -9.60
N ALA B 5 10.11 -0.18 -9.11
CA ALA B 5 8.78 0.37 -8.84
C ALA B 5 8.55 1.61 -9.69
N ILE B 6 7.29 1.84 -10.04
CA ILE B 6 6.89 3.03 -10.80
C ILE B 6 5.91 3.84 -9.96
N TYR B 7 6.12 5.15 -9.92
CA TYR B 7 5.27 6.09 -9.20
C TYR B 7 4.64 7.00 -10.23
N PRO B 8 3.44 6.67 -10.73
CA PRO B 8 2.85 7.46 -11.81
C PRO B 8 1.88 8.52 -11.30
N GLY B 9 1.68 9.55 -12.11
CA GLY B 9 0.78 10.61 -11.75
C GLY B 9 0.88 11.73 -12.77
N THR B 10 0.05 12.74 -12.57
CA THR B 10 0.06 13.89 -13.46
C THR B 10 1.09 14.93 -13.03
N PHE B 11 1.37 15.02 -11.72
CA PHE B 11 2.44 15.87 -11.18
C PHE B 11 2.42 17.26 -11.81
N ASP B 12 1.28 17.94 -11.67
CA ASP B 12 1.04 19.22 -12.31
C ASP B 12 0.73 20.30 -11.27
N PRO B 13 1.75 20.79 -10.54
CA PRO B 13 3.15 20.36 -10.55
C PRO B 13 3.44 19.39 -9.41
N ILE B 14 4.65 18.84 -9.37
CA ILE B 14 5.05 17.99 -8.27
C ILE B 14 5.08 18.82 -6.98
N THR B 15 4.53 18.26 -5.91
CA THR B 15 4.45 18.93 -4.62
C THR B 15 5.36 18.24 -3.61
N ASN B 16 5.45 18.83 -2.41
CA ASN B 16 6.19 18.19 -1.32
C ASN B 16 5.51 16.89 -0.89
N GLY B 17 4.21 16.77 -1.10
CA GLY B 17 3.55 15.50 -0.85
C GLY B 17 4.06 14.41 -1.78
N HIS B 18 4.20 14.73 -3.07
CA HIS B 18 4.80 13.79 -4.02
C HIS B 18 6.24 13.46 -3.63
N ILE B 19 7.01 14.47 -3.22
CA ILE B 19 8.40 14.24 -2.85
C ILE B 19 8.48 13.27 -1.67
N ASP B 20 7.57 13.43 -0.71
CA ASP B 20 7.54 12.52 0.44
C ASP B 20 7.29 11.09 0.00
N ILE B 21 6.32 10.88 -0.90
CA ILE B 21 5.98 9.54 -1.34
C ILE B 21 7.13 8.91 -2.10
N VAL B 22 7.71 9.63 -3.06
CA VAL B 22 8.78 9.04 -3.86
C VAL B 22 10.00 8.77 -2.99
N THR B 23 10.26 9.61 -1.99
CA THR B 23 11.38 9.36 -1.08
C THR B 23 11.17 8.08 -0.31
N ARG B 24 9.95 7.86 0.20
CA ARG B 24 9.62 6.63 0.92
CA ARG B 24 9.71 6.63 0.92
C ARG B 24 9.72 5.43 -0.01
N ALA B 25 9.37 5.61 -1.29
CA ALA B 25 9.48 4.52 -2.25
C ALA B 25 10.94 4.12 -2.44
N THR B 26 11.85 5.09 -2.53
CA THR B 26 13.26 4.79 -2.74
C THR B 26 13.89 4.11 -1.53
N GLN B 27 13.32 4.31 -0.35
CA GLN B 27 13.81 3.60 0.83
C GLN B 27 13.33 2.15 0.87
N MET B 28 12.44 1.75 -0.04
CA MET B 28 11.85 0.42 -0.07
C MET B 28 12.24 -0.39 -1.29
N PHE B 29 12.46 0.25 -2.43
CA PHE B 29 12.73 -0.44 -3.68
C PHE B 29 14.03 0.08 -4.30
N ASP B 30 14.71 -0.79 -5.05
CA ASP B 30 16.04 -0.47 -5.55
C ASP B 30 16.02 0.66 -6.55
N HIS B 31 15.00 0.72 -7.40
CA HIS B 31 14.90 1.72 -8.45
C HIS B 31 13.45 2.17 -8.55
N VAL B 32 13.24 3.49 -8.56
CA VAL B 32 11.91 4.06 -8.64
C VAL B 32 11.84 4.92 -9.90
N ILE B 33 10.86 4.64 -10.73
CA ILE B 33 10.56 5.45 -11.91
C ILE B 33 9.41 6.39 -11.53
N LEU B 34 9.69 7.69 -11.46
CA LEU B 34 8.65 8.70 -11.32
C LEU B 34 8.14 8.99 -12.73
N ALA B 35 6.91 8.56 -13.02
CA ALA B 35 6.36 8.55 -14.37
C ALA B 35 5.27 9.58 -14.47
N ILE B 36 5.46 10.57 -15.34
CA ILE B 36 4.54 11.69 -15.48
C ILE B 36 3.65 11.44 -16.70
N ALA B 37 2.36 11.27 -16.44
CA ALA B 37 1.39 11.10 -17.52
C ALA B 37 1.11 12.43 -18.20
N ALA B 38 1.01 12.39 -19.54
CA ALA B 38 0.74 13.61 -20.28
C ALA B 38 -0.59 14.22 -19.86
N SER B 39 -1.60 13.38 -19.66
CA SER B 39 -2.90 13.80 -19.15
C SER B 39 -3.55 15.00 -19.87
N PRO B 40 -3.66 14.94 -21.20
CA PRO B 40 -4.31 16.08 -21.89
C PRO B 40 -5.75 16.31 -21.45
N SER B 41 -6.48 15.27 -21.06
CA SER B 41 -7.86 15.44 -20.63
C SER B 41 -7.95 16.31 -19.38
N LYS B 42 -6.90 16.35 -18.57
CA LYS B 42 -6.91 17.15 -17.36
C LYS B 42 -6.52 18.62 -17.60
N LYS B 43 -6.25 19.02 -18.84
CA LYS B 43 -5.66 20.31 -19.21
C LYS B 43 -4.61 20.76 -18.19
N PRO B 44 -3.43 20.14 -18.16
CA PRO B 44 -2.46 20.50 -17.13
C PRO B 44 -1.94 21.91 -17.33
N MET B 45 -1.63 22.57 -16.20
CA MET B 45 -1.10 23.92 -16.24
C MET B 45 0.28 23.94 -16.88
N PHE B 46 1.10 22.94 -16.58
CA PHE B 46 2.45 22.83 -17.12
C PHE B 46 2.46 21.76 -18.22
N THR B 47 3.26 21.98 -19.25
CA THR B 47 3.43 20.96 -20.27
C THR B 47 4.13 19.75 -19.68
N LEU B 48 4.04 18.63 -20.41
CA LEU B 48 4.75 17.44 -19.95
C LEU B 48 6.24 17.69 -19.82
N GLU B 49 6.82 18.42 -20.80
CA GLU B 49 8.25 18.72 -20.74
C GLU B 49 8.57 19.58 -19.52
N GLU B 50 7.71 20.54 -19.20
CA GLU B 50 7.93 21.35 -17.99
C GLU B 50 7.84 20.49 -16.73
N ARG B 51 6.80 19.65 -16.65
CA ARG B 51 6.59 18.83 -15.46
C ARG B 51 7.74 17.85 -15.25
N VAL B 52 8.27 17.28 -16.34
CA VAL B 52 9.41 16.37 -16.23
C VAL B 52 10.63 17.11 -15.70
N ALA B 53 10.93 18.28 -16.26
CA ALA B 53 12.10 19.04 -15.83
C ALA B 53 11.98 19.47 -14.37
N LEU B 54 10.78 19.89 -13.95
CA LEU B 54 10.58 20.27 -12.56
C LEU B 54 10.80 19.09 -11.62
N ALA B 55 10.25 17.92 -11.97
CA ALA B 55 10.41 16.75 -11.12
C ALA B 55 11.85 16.27 -11.11
N GLN B 56 12.54 16.36 -12.25
CA GLN B 56 13.94 15.97 -12.31
C GLN B 56 14.78 16.80 -11.35
N GLN B 57 14.61 18.12 -11.40
CA GLN B 57 15.33 18.99 -10.49
C GLN B 57 14.93 18.73 -9.04
N ALA B 58 13.64 18.50 -8.79
CA ALA B 58 13.16 18.32 -7.43
C ALA B 58 13.57 16.98 -6.82
N THR B 59 13.97 16.01 -7.64
CA THR B 59 14.39 14.70 -7.13
C THR B 59 15.85 14.40 -7.39
N ALA B 60 16.61 15.38 -7.89
CA ALA B 60 18.02 15.14 -8.23
C ALA B 60 18.82 14.60 -7.06
N HIS B 61 18.43 14.93 -5.82
CA HIS B 61 19.14 14.44 -4.65
C HIS B 61 18.87 12.97 -4.35
N LEU B 62 17.89 12.35 -5.01
CA LEU B 62 17.56 10.94 -4.80
C LEU B 62 18.20 10.14 -5.93
N GLY B 63 19.22 9.35 -5.59
CA GLY B 63 20.04 8.71 -6.61
C GLY B 63 19.33 7.65 -7.42
N ASN B 64 18.32 6.99 -6.86
CA ASN B 64 17.67 5.88 -7.53
C ASN B 64 16.27 6.25 -8.04
N VAL B 65 16.06 7.53 -8.33
CA VAL B 65 14.84 8.00 -8.98
C VAL B 65 15.15 8.31 -10.44
N GLU B 66 14.28 7.83 -11.33
CA GLU B 66 14.33 8.13 -12.76
C GLU B 66 13.02 8.77 -13.16
N VAL B 67 13.06 10.01 -13.65
CA VAL B 67 11.87 10.74 -14.06
C VAL B 67 11.67 10.57 -15.56
N VAL B 68 10.48 10.12 -15.94
CA VAL B 68 10.14 9.92 -17.36
CA VAL B 68 10.12 9.84 -17.34
C VAL B 68 8.71 10.36 -17.58
N GLY B 69 8.46 10.90 -18.77
CA GLY B 69 7.11 11.24 -19.19
C GLY B 69 6.54 10.15 -20.06
N PHE B 70 5.22 10.02 -20.06
CA PHE B 70 4.61 8.98 -20.87
C PHE B 70 3.17 9.32 -21.22
N SER B 71 2.73 8.79 -22.36
CA SER B 71 1.35 8.88 -22.81
C SER B 71 0.75 7.50 -23.03
N ASP B 72 1.52 6.44 -22.82
CA ASP B 72 1.00 5.09 -23.02
C ASP B 72 -0.01 4.74 -21.93
N LEU B 73 -0.67 3.60 -22.14
CA LEU B 73 -1.45 3.00 -21.08
C LEU B 73 -0.54 2.68 -19.91
N MET B 74 -1.00 3.00 -18.70
CA MET B 74 -0.21 2.81 -17.50
C MET B 74 0.39 1.41 -17.44
N ALA B 75 -0.47 0.40 -17.58
CA ALA B 75 -0.02 -0.98 -17.45
C ALA B 75 1.06 -1.31 -18.47
N ASN B 76 0.88 -0.86 -19.72
CA ASN B 76 1.88 -1.11 -20.75
C ASN B 76 3.20 -0.42 -20.41
N PHE B 77 3.15 0.83 -19.96
CA PHE B 77 4.39 1.54 -19.61
C PHE B 77 5.11 0.83 -18.47
N ALA B 78 4.37 0.38 -17.47
CA ALA B 78 4.98 -0.35 -16.35
C ALA B 78 5.64 -1.64 -16.83
N ARG B 79 4.95 -2.43 -17.65
CA ARG B 79 5.56 -3.63 -18.22
C ARG B 79 6.82 -3.29 -18.99
N ASN B 80 6.75 -2.25 -19.83
CA ASN B 80 7.87 -1.85 -20.66
C ASN B 80 9.02 -1.28 -19.84
N GLN B 81 8.76 -0.81 -18.62
CA GLN B 81 9.82 -0.41 -17.70
C GLN B 81 10.30 -1.55 -16.82
N HIS B 82 9.73 -2.75 -16.99
CA HIS B 82 10.06 -3.92 -16.18
C HIS B 82 9.82 -3.65 -14.70
N ALA B 83 8.79 -2.88 -14.41
CA ALA B 83 8.36 -2.63 -13.04
C ALA B 83 7.35 -3.70 -12.63
N THR B 84 7.46 -4.13 -11.37
CA THR B 84 6.52 -5.07 -10.78
C THR B 84 5.77 -4.48 -9.60
N VAL B 85 6.02 -3.20 -9.26
CA VAL B 85 5.35 -2.51 -8.17
C VAL B 85 4.90 -1.14 -8.68
N LEU B 86 3.65 -0.79 -8.43
CA LEU B 86 3.13 0.54 -8.78
C LEU B 86 2.80 1.25 -7.48
N ILE B 87 3.43 2.41 -7.26
CA ILE B 87 3.27 3.20 -6.03
C ILE B 87 2.17 4.23 -6.24
N ARG B 88 1.29 4.36 -5.25
CA ARG B 88 0.38 5.49 -5.20
C ARG B 88 0.25 5.98 -3.76
N GLY B 89 0.23 7.30 -3.60
CA GLY B 89 -0.06 7.93 -2.33
C GLY B 89 -1.56 7.96 -2.08
N LEU B 90 -1.93 7.69 -0.83
CA LEU B 90 -3.33 7.69 -0.44
C LEU B 90 -3.59 8.88 0.48
N ARG B 91 -4.47 9.78 0.03
CA ARG B 91 -4.81 10.99 0.75
C ARG B 91 -6.18 10.93 1.41
N ALA B 92 -7.25 10.82 0.63
CA ALA B 92 -8.61 10.91 1.16
C ALA B 92 -9.49 9.79 0.61
N VAL B 93 -10.71 9.72 1.15
CA VAL B 93 -11.63 8.63 0.81
C VAL B 93 -11.90 8.59 -0.69
N ALA B 94 -12.21 9.75 -1.28
CA ALA B 94 -12.51 9.83 -2.70
C ALA B 94 -11.31 9.38 -3.54
N ASP B 95 -10.09 9.72 -3.13
CA ASP B 95 -8.90 9.16 -3.78
C ASP B 95 -8.89 7.65 -3.66
N PHE B 96 -9.03 7.14 -2.42
CA PHE B 96 -9.00 5.70 -2.17
C PHE B 96 -9.93 4.92 -3.08
N GLU B 97 -11.20 5.35 -3.21
CA GLU B 97 -12.12 4.59 -4.05
C GLU B 97 -11.73 4.60 -5.51
N TYR B 98 -11.28 5.75 -6.02
CA TYR B 98 -10.88 5.77 -7.42
C TYR B 98 -9.59 4.99 -7.62
N GLU B 99 -8.71 5.01 -6.62
CA GLU B 99 -7.47 4.23 -6.70
C GLU B 99 -7.77 2.74 -6.71
N MET B 100 -8.77 2.29 -5.95
CA MET B 100 -9.18 0.89 -6.00
C MET B 100 -9.63 0.50 -7.41
N GLN B 101 -10.40 1.38 -8.05
CA GLN B 101 -10.83 1.12 -9.43
CA GLN B 101 -10.82 1.13 -9.43
C GLN B 101 -9.62 0.99 -10.35
N LEU B 102 -8.71 1.97 -10.30
CA LEU B 102 -7.54 1.94 -11.16
C LEU B 102 -6.69 0.71 -10.89
N ALA B 103 -6.54 0.33 -9.62
CA ALA B 103 -5.73 -0.82 -9.26
C ALA B 103 -6.35 -2.12 -9.78
N HIS B 104 -7.66 -2.27 -9.64
CA HIS B 104 -8.31 -3.47 -10.16
C HIS B 104 -8.28 -3.53 -11.68
N MET B 105 -8.37 -2.37 -12.34
CA MET B 105 -8.22 -2.35 -13.80
C MET B 105 -6.79 -2.71 -14.20
N ASN B 106 -5.80 -2.09 -13.53
CA ASN B 106 -4.41 -2.41 -13.83
C ASN B 106 -4.09 -3.88 -13.57
N ARG B 107 -4.72 -4.47 -12.55
CA ARG B 107 -4.49 -5.89 -12.27
C ARG B 107 -5.04 -6.76 -13.39
N HIS B 108 -6.16 -6.34 -13.98
CA HIS B 108 -6.69 -7.05 -15.14
C HIS B 108 -5.75 -6.93 -16.34
N LEU B 109 -5.17 -5.74 -16.53
CA LEU B 109 -4.29 -5.48 -17.66
C LEU B 109 -2.89 -6.07 -17.45
N MET B 110 -2.40 -6.06 -16.21
CA MET B 110 -1.05 -6.56 -15.92
C MET B 110 -1.08 -7.21 -14.55
N PRO B 111 -1.41 -8.51 -14.48
CA PRO B 111 -1.58 -9.15 -13.16
C PRO B 111 -0.34 -9.16 -12.28
N GLU B 112 0.86 -9.18 -12.86
CA GLU B 112 2.09 -9.22 -12.07
C GLU B 112 2.52 -7.85 -11.58
N LEU B 113 1.77 -6.79 -11.88
CA LEU B 113 2.07 -5.46 -11.39
C LEU B 113 1.27 -5.26 -10.12
N GLU B 114 1.96 -5.20 -8.99
CA GLU B 114 1.29 -5.10 -7.69
C GLU B 114 1.19 -3.63 -7.31
N SER B 115 -0.03 -3.18 -7.06
CA SER B 115 -0.27 -1.81 -6.62
C SER B 115 -0.12 -1.75 -5.10
N VAL B 116 0.71 -0.83 -4.64
CA VAL B 116 0.94 -0.62 -3.21
C VAL B 116 0.70 0.84 -2.90
N PHE B 117 0.11 1.10 -1.75
CA PHE B 117 -0.25 2.44 -1.34
C PHE B 117 0.54 2.85 -0.11
N LEU B 118 1.05 4.07 -0.16
CA LEU B 118 1.77 4.68 0.94
C LEU B 118 0.95 5.85 1.45
N MET B 119 1.08 6.12 2.73
CA MET B 119 0.41 7.23 3.40
C MET B 119 1.36 8.39 3.59
N PRO B 120 1.01 9.59 3.12
CA PRO B 120 1.94 10.71 3.27
C PRO B 120 2.04 11.14 4.72
N SER B 121 3.10 11.88 5.02
CA SER B 121 3.25 12.52 6.30
C SER B 121 2.02 13.36 6.64
N LYS B 122 1.77 13.54 7.93
CA LYS B 122 0.69 14.44 8.35
C LYS B 122 0.87 15.83 7.74
N GLU B 123 2.12 16.26 7.54
CA GLU B 123 2.38 17.59 6.99
C GLU B 123 1.74 17.79 5.62
N TRP B 124 1.65 16.74 4.80
CA TRP B 124 1.18 16.86 3.44
C TRP B 124 -0.16 16.17 3.19
N SER B 125 -0.80 15.65 4.25
CA SER B 125 -2.01 14.86 4.11
CA SER B 125 -1.99 14.84 4.03
C SER B 125 -3.21 15.65 3.62
N PHE B 126 -3.13 16.98 3.56
CA PHE B 126 -4.27 17.79 3.17
C PHE B 126 -3.98 18.71 1.98
N ILE B 127 -2.90 18.45 1.25
CA ILE B 127 -2.58 19.25 0.08
C ILE B 127 -2.67 18.40 -1.18
N SER B 128 -2.84 19.09 -2.30
CA SER B 128 -2.85 18.48 -3.62
C SER B 128 -2.32 19.49 -4.61
N SER B 129 -1.95 19.01 -5.80
CA SER B 129 -1.56 19.92 -6.86
C SER B 129 -2.68 20.92 -7.16
N SER B 130 -3.92 20.44 -7.20
CA SER B 130 -5.07 21.30 -7.50
C SER B 130 -5.22 22.40 -6.45
N LEU B 131 -5.11 22.03 -5.17
CA LEU B 131 -5.30 23.02 -4.11
C LEU B 131 -4.17 24.06 -4.12
N VAL B 132 -2.92 23.62 -4.31
CA VAL B 132 -1.81 24.56 -4.34
C VAL B 132 -1.98 25.54 -5.50
N LYS B 133 -2.37 25.05 -6.67
CA LYS B 133 -2.60 25.94 -7.81
C LYS B 133 -3.71 26.94 -7.50
N GLU B 134 -4.76 26.49 -6.83
CA GLU B 134 -5.88 27.37 -6.49
C GLU B 134 -5.43 28.50 -5.57
N VAL B 135 -4.65 28.18 -4.54
CA VAL B 135 -4.12 29.21 -3.65
C VAL B 135 -3.23 30.18 -4.45
N ALA B 136 -2.32 29.63 -5.26
CA ALA B 136 -1.40 30.46 -6.02
C ALA B 136 -2.13 31.34 -7.03
N ARG B 137 -3.22 30.82 -7.63
CA ARG B 137 -4.01 31.64 -8.55
CA ARG B 137 -4.00 31.64 -8.55
C ARG B 137 -4.50 32.91 -7.89
N HIS B 138 -4.76 32.86 -6.58
CA HIS B 138 -5.18 34.03 -5.83
C HIS B 138 -4.02 34.64 -5.04
N GLN B 139 -2.80 34.34 -5.44
CA GLN B 139 -1.58 34.98 -4.94
C GLN B 139 -1.29 34.64 -3.49
N GLY B 140 -1.73 33.47 -3.03
CA GLY B 140 -1.42 33.06 -1.69
C GLY B 140 -0.08 32.35 -1.62
N ASP B 141 0.53 32.40 -0.45
CA ASP B 141 1.87 31.89 -0.25
C ASP B 141 1.84 30.37 -0.17
N VAL B 142 2.46 29.70 -1.15
CA VAL B 142 2.54 28.25 -1.20
C VAL B 142 3.99 27.77 -1.12
N THR B 143 4.90 28.64 -0.64
CA THR B 143 6.31 28.25 -0.51
C THR B 143 6.47 26.97 0.31
N HIS B 144 5.63 26.81 1.34
CA HIS B 144 5.78 25.68 2.25
C HIS B 144 5.48 24.33 1.57
N PHE B 145 4.70 24.34 0.50
CA PHE B 145 4.16 23.10 -0.06
C PHE B 145 4.90 22.61 -1.30
N LEU B 146 5.88 23.34 -1.81
CA LEU B 146 6.48 23.00 -3.08
C LEU B 146 8.00 23.03 -2.97
N PRO B 147 8.69 22.22 -3.79
CA PRO B 147 10.15 22.38 -3.88
C PRO B 147 10.48 23.76 -4.42
N GLU B 148 11.66 24.26 -4.02
CA GLU B 148 12.05 25.62 -4.40
C GLU B 148 11.90 25.86 -5.90
N ASN B 149 12.46 24.96 -6.72
CA ASN B 149 12.39 25.15 -8.17
C ASN B 149 10.95 25.17 -8.66
N VAL B 150 10.09 24.33 -8.07
CA VAL B 150 8.69 24.31 -8.50
C VAL B 150 7.98 25.60 -8.13
N HIS B 151 8.22 26.10 -6.91
CA HIS B 151 7.60 27.36 -6.51
C HIS B 151 7.93 28.48 -7.46
N GLN B 152 9.22 28.63 -7.80
CA GLN B 152 9.63 29.65 -8.77
C GLN B 152 8.87 29.49 -10.08
N ALA B 153 8.80 28.26 -10.59
CA ALA B 153 8.15 28.04 -11.87
C ALA B 153 6.65 28.33 -11.80
N LEU B 154 6.01 27.99 -10.68
CA LEU B 154 4.60 28.28 -10.52
C LEU B 154 4.37 29.80 -10.44
N MET B 155 5.24 30.50 -9.70
CA MET B 155 5.14 31.96 -9.64
C MET B 155 5.30 32.56 -11.03
N ALA B 156 6.32 32.09 -11.77
CA ALA B 156 6.57 32.60 -13.11
C ALA B 156 5.40 32.30 -14.05
N LYS B 157 4.87 31.08 -13.99
CA LYS B 157 3.76 30.71 -14.87
C LYS B 157 2.57 31.61 -14.67
N LEU B 158 2.20 31.88 -13.41
CA LEU B 158 1.04 32.71 -13.09
C LEU B 158 1.30 34.21 -13.28
N ALA B 159 2.55 34.64 -13.38
CA ALA B 159 2.86 36.06 -13.54
C ALA B 159 2.41 36.56 -14.91
#